data_3KUK
#
_entry.id   3KUK
#
_cell.length_a   82.639
_cell.length_b   82.639
_cell.length_c   259.018
_cell.angle_alpha   90.000
_cell.angle_beta   90.000
_cell.angle_gamma   90.000
#
_symmetry.space_group_name_H-M   'P 41 21 2'
#
loop_
_entity.id
_entity.type
_entity.pdbx_description
1 polymer 'Uridine phosphorylase'
2 non-polymer 'SULFATE ION'
3 non-polymer "2'-DEOXYURIDINE"
4 water water
#
_entity_poly.entity_id   1
_entity_poly.type   'polypeptide(L)'
_entity_poly.pdbx_seq_one_letter_code
;MASTAAETEKPEDHNDLVQLCNPHIAAMKEDILYHFSLSTSTHDFPAMFGDVKFVCVGGSPSRMKAFIKYVAMELGFAHP
GADYPNICEGTDRYAMFKVGPVLSVSHGMGVPSIAIMLHELIKLLYHAHCSGVTLIRIGTSGGIGLEPGSVVITRQAVDP
CFKPEFEQIVLGKREVRNTDLDEQLVQELARCSAELGEFPTVVGNTMCTLDFYEGQGRLDGALCSYTEKDKQDYLRAAYA
AGIRNIEMEASVFAAMCNACGLRAAVVCVTLLNRLEGDQISSPHDVLAEYQQRPQRLVGQFIKKRLMQA
;
_entity_poly.pdbx_strand_id   A,B
#
loop_
_chem_comp.id
_chem_comp.type
_chem_comp.name
_chem_comp.formula
DUR non-polymer 2'-DEOXYURIDINE 'C9 H12 N2 O5'
SO4 non-polymer 'SULFATE ION' 'O4 S -2'
#
# COMPACT_ATOMS: atom_id res chain seq x y z
N ASP A 16 -16.02 21.27 -16.85
CA ASP A 16 -14.73 21.28 -17.55
C ASP A 16 -14.19 19.86 -17.71
N LEU A 17 -13.58 19.59 -18.87
CA LEU A 17 -13.08 18.25 -19.18
C LEU A 17 -11.84 17.86 -18.41
N VAL A 18 -11.83 16.60 -17.95
CA VAL A 18 -10.66 16.03 -17.30
C VAL A 18 -9.51 15.93 -18.30
N GLN A 19 -8.29 16.10 -17.81
CA GLN A 19 -7.11 16.02 -18.67
C GLN A 19 -5.88 15.44 -17.95
N LEU A 20 -4.92 14.98 -18.74
CA LEU A 20 -3.66 14.52 -18.20
C LEU A 20 -2.56 15.37 -18.79
N CYS A 21 -1.47 15.56 -18.04
CA CYS A 21 -0.27 16.12 -18.67
C CYS A 21 0.63 14.97 -19.16
N ASN A 22 0.10 14.22 -20.13
CA ASN A 22 0.84 13.14 -20.76
C ASN A 22 0.40 12.83 -22.19
N PRO A 23 1.12 13.39 -23.17
CA PRO A 23 0.94 13.18 -24.62
C PRO A 23 1.11 11.73 -25.10
N HIS A 24 1.87 10.91 -24.37
CA HIS A 24 2.13 9.55 -24.82
C HIS A 24 0.86 8.70 -24.91
N ILE A 25 -0.15 9.07 -24.13
CA ILE A 25 -1.39 8.30 -24.01
C ILE A 25 -2.24 8.35 -25.27
N ALA A 26 -2.28 9.54 -25.88
CA ALA A 26 -3.09 9.75 -27.07
C ALA A 26 -2.60 8.88 -28.23
N ALA A 27 -1.31 8.56 -28.20
CA ALA A 27 -0.69 7.79 -29.27
C ALA A 27 -0.82 6.25 -29.14
N MET A 28 -1.18 5.76 -27.95
CA MET A 28 -1.26 4.31 -27.72
C MET A 28 -2.46 3.66 -28.40
N LYS A 29 -2.26 2.48 -29.00
CA LYS A 29 -3.34 1.74 -29.64
C LYS A 29 -4.28 1.09 -28.61
N GLU A 30 -3.80 0.94 -27.38
CA GLU A 30 -4.65 0.52 -26.25
C GLU A 30 -4.05 0.92 -24.91
N ASP A 31 -4.90 1.01 -23.89
CA ASP A 31 -4.46 1.41 -22.56
C ASP A 31 -4.92 0.37 -21.55
N ILE A 32 -3.97 -0.41 -21.06
CA ILE A 32 -4.26 -1.43 -20.08
C ILE A 32 -4.10 -0.85 -18.69
N LEU A 33 -5.17 -0.88 -17.91
CA LEU A 33 -5.11 -0.43 -16.53
C LEU A 33 -4.94 -1.66 -15.65
N TYR A 34 -3.68 -2.12 -15.56
CA TYR A 34 -3.37 -3.41 -14.98
C TYR A 34 -3.98 -3.63 -13.61
N HIS A 35 -3.80 -2.67 -12.71
CA HIS A 35 -4.24 -2.89 -11.34
C HIS A 35 -5.76 -2.82 -11.17
N PHE A 36 -6.46 -2.38 -12.21
CA PHE A 36 -7.91 -2.35 -12.18
C PHE A 36 -8.48 -3.59 -12.83
N SER A 37 -7.66 -4.26 -13.63
CA SER A 37 -8.14 -5.37 -14.43
C SER A 37 -9.07 -4.80 -15.48
N LEU A 38 -8.67 -3.66 -16.03
CA LEU A 38 -9.51 -2.92 -16.98
C LEU A 38 -8.70 -2.48 -18.18
N SER A 39 -9.28 -2.60 -19.36
CA SER A 39 -8.55 -2.27 -20.57
C SER A 39 -9.37 -1.47 -21.55
N THR A 40 -8.68 -0.61 -22.28
CA THR A 40 -9.27 0.20 -23.34
C THR A 40 -9.97 -0.64 -24.39
N SER A 41 -9.52 -1.88 -24.57
CA SER A 41 -9.98 -2.71 -25.67
C SER A 41 -10.87 -3.88 -25.23
N THR A 42 -10.93 -4.12 -23.91
CA THR A 42 -11.86 -5.12 -23.39
C THR A 42 -13.00 -4.42 -22.68
N HIS A 43 -12.97 -3.09 -22.67
CA HIS A 43 -13.90 -2.31 -21.86
C HIS A 43 -14.29 -0.99 -22.51
N ASP A 44 -15.57 -0.64 -22.35
CA ASP A 44 -16.14 0.57 -22.93
C ASP A 44 -16.13 1.66 -21.87
N PHE A 45 -15.11 2.53 -21.91
CA PHE A 45 -14.99 3.55 -20.86
C PHE A 45 -16.09 4.61 -20.84
N PRO A 46 -16.37 5.27 -22.00
CA PRO A 46 -17.39 6.32 -22.00
C PRO A 46 -18.72 5.73 -21.57
N ALA A 47 -19.03 4.56 -22.09
CA ALA A 47 -20.26 3.86 -21.74
C ALA A 47 -20.31 3.56 -20.26
N MET A 48 -19.16 3.24 -19.67
CA MET A 48 -19.12 2.77 -18.29
C MET A 48 -19.03 3.88 -17.26
N PHE A 49 -18.29 4.94 -17.59
CA PHE A 49 -17.90 5.94 -16.59
C PHE A 49 -18.18 7.39 -17.00
N GLY A 50 -18.75 7.60 -18.18
CA GLY A 50 -18.89 8.93 -18.74
C GLY A 50 -19.68 9.91 -17.88
N ASP A 51 -20.60 9.39 -17.08
CA ASP A 51 -21.55 10.21 -16.35
C ASP A 51 -21.10 10.51 -14.92
N VAL A 52 -19.94 9.97 -14.54
CA VAL A 52 -19.40 10.15 -13.19
C VAL A 52 -19.05 11.60 -12.86
N LYS A 53 -19.59 12.10 -11.74
CA LYS A 53 -19.32 13.48 -11.31
C LYS A 53 -18.61 13.54 -9.97
N PHE A 54 -18.76 12.48 -9.17
CA PHE A 54 -18.15 12.44 -7.85
C PHE A 54 -17.34 11.17 -7.58
N VAL A 55 -16.02 11.31 -7.48
CA VAL A 55 -15.15 10.17 -7.22
C VAL A 55 -14.62 10.15 -5.79
N CYS A 56 -14.98 9.11 -5.05
CA CYS A 56 -14.53 8.96 -3.68
C CYS A 56 -13.58 7.79 -3.52
N VAL A 57 -12.57 7.97 -2.70
CA VAL A 57 -11.55 6.95 -2.57
C VAL A 57 -11.23 6.73 -1.10
N GLY A 58 -10.78 5.53 -0.78
CA GLY A 58 -10.49 5.14 0.59
C GLY A 58 -9.60 3.91 0.62
N GLY A 59 -9.04 3.62 1.80
CA GLY A 59 -8.18 2.47 1.93
C GLY A 59 -8.90 1.15 1.79
N SER A 60 -10.00 0.98 2.52
CA SER A 60 -10.65 -0.33 2.65
C SER A 60 -11.66 -0.61 1.55
N PRO A 61 -11.57 -1.81 0.94
CA PRO A 61 -12.59 -2.25 -0.01
C PRO A 61 -13.94 -2.43 0.67
N SER A 62 -13.92 -2.74 1.97
CA SER A 62 -15.16 -2.84 2.74
C SER A 62 -15.81 -1.47 2.96
N ARG A 63 -15.05 -0.51 3.48
CA ARG A 63 -15.56 0.83 3.73
C ARG A 63 -16.18 1.36 2.45
N MET A 64 -15.52 1.12 1.31
CA MET A 64 -15.97 1.75 0.08
C MET A 64 -17.23 1.10 -0.50
N LYS A 65 -17.39 -0.22 -0.33
CA LYS A 65 -18.65 -0.84 -0.69
C LYS A 65 -19.75 -0.27 0.19
N ALA A 66 -19.47 -0.18 1.49
CA ALA A 66 -20.39 0.41 2.45
C ALA A 66 -20.79 1.82 2.02
N PHE A 67 -19.82 2.60 1.53
CA PHE A 67 -20.11 3.98 1.18
C PHE A 67 -21.09 4.05 0.03
N ILE A 68 -20.76 3.36 -1.06
CA ILE A 68 -21.62 3.39 -2.23
C ILE A 68 -23.03 2.90 -1.88
N LYS A 69 -23.15 2.05 -0.86
CA LYS A 69 -24.47 1.55 -0.45
C LYS A 69 -25.24 2.63 0.29
N TYR A 70 -24.57 3.28 1.24
CA TYR A 70 -25.16 4.40 1.98
C TYR A 70 -25.56 5.50 1.01
N VAL A 71 -24.65 5.86 0.12
CA VAL A 71 -24.96 6.92 -0.82
C VAL A 71 -26.20 6.58 -1.62
N ALA A 72 -26.18 5.43 -2.27
CA ALA A 72 -27.30 4.98 -3.10
C ALA A 72 -28.65 5.21 -2.42
N MET A 73 -28.74 4.89 -1.13
CA MET A 73 -29.99 5.06 -0.42
C MET A 73 -30.31 6.54 -0.21
N GLU A 74 -29.35 7.30 0.32
CA GLU A 74 -29.53 8.74 0.49
C GLU A 74 -29.89 9.46 -0.82
N LEU A 75 -29.65 8.83 -1.96
CA LEU A 75 -30.05 9.40 -3.24
C LEU A 75 -31.19 8.62 -3.90
N GLY A 76 -31.79 7.71 -3.14
CA GLY A 76 -32.92 6.93 -3.62
C GLY A 76 -32.64 6.13 -4.88
N PHE A 77 -31.64 5.25 -4.81
CA PHE A 77 -31.41 4.25 -5.85
C PHE A 77 -31.61 2.85 -5.25
N ALA A 78 -32.07 2.80 -4.01
CA ALA A 78 -32.14 1.55 -3.28
C ALA A 78 -33.38 0.74 -3.57
N ALA A 82 -31.05 -5.53 -5.12
CA ALA A 82 -30.27 -4.48 -4.46
C ALA A 82 -28.79 -4.86 -4.45
N ASP A 83 -28.21 -5.02 -5.63
CA ASP A 83 -26.82 -5.48 -5.73
C ASP A 83 -25.83 -4.42 -6.21
N TYR A 84 -24.64 -4.44 -5.63
CA TYR A 84 -23.59 -3.51 -6.00
C TYR A 84 -22.32 -4.27 -6.37
N PRO A 85 -22.11 -4.44 -7.69
CA PRO A 85 -21.05 -5.27 -8.29
C PRO A 85 -19.69 -4.63 -8.18
N ASN A 86 -18.68 -5.41 -7.80
CA ASN A 86 -17.32 -4.95 -7.83
C ASN A 86 -16.85 -4.88 -9.27
N ILE A 87 -16.62 -3.67 -9.75
CA ILE A 87 -16.28 -3.46 -11.15
C ILE A 87 -14.90 -4.02 -11.45
N CYS A 88 -14.10 -4.14 -10.39
CA CYS A 88 -12.75 -4.64 -10.50
C CYS A 88 -12.65 -6.12 -10.17
N GLU A 89 -13.63 -6.89 -10.61
CA GLU A 89 -13.50 -8.34 -10.53
C GLU A 89 -12.50 -8.73 -11.60
N GLY A 90 -11.71 -9.75 -11.33
CA GLY A 90 -10.59 -10.08 -12.19
C GLY A 90 -9.29 -9.61 -11.55
N THR A 91 -9.42 -9.04 -10.35
CA THR A 91 -8.27 -8.64 -9.55
C THR A 91 -8.73 -8.39 -8.13
N ASP A 92 -7.77 -8.18 -7.25
CA ASP A 92 -8.06 -7.81 -5.86
C ASP A 92 -7.02 -6.81 -5.37
N ARG A 93 -6.38 -6.11 -6.32
CA ARG A 93 -5.53 -4.98 -5.99
C ARG A 93 -6.36 -3.84 -5.42
N TYR A 94 -7.44 -3.49 -6.11
CA TYR A 94 -8.34 -2.42 -5.69
C TYR A 94 -9.78 -2.83 -5.93
N ALA A 95 -10.71 -2.22 -5.21
CA ALA A 95 -12.12 -2.48 -5.42
C ALA A 95 -12.83 -1.22 -5.93
N MET A 96 -13.78 -1.39 -6.83
CA MET A 96 -14.45 -0.27 -7.46
C MET A 96 -15.96 -0.49 -7.56
N PHE A 97 -16.73 0.58 -7.33
CA PHE A 97 -18.18 0.48 -7.36
C PHE A 97 -18.83 1.70 -8.01
N LYS A 98 -20.05 1.55 -8.48
CA LYS A 98 -20.73 2.67 -9.12
C LYS A 98 -22.25 2.68 -8.96
N VAL A 99 -22.75 3.84 -8.56
CA VAL A 99 -24.17 4.16 -8.64
C VAL A 99 -24.28 5.60 -9.10
N GLY A 100 -25.02 5.83 -10.18
CA GLY A 100 -25.19 7.18 -10.68
C GLY A 100 -23.86 7.83 -11.02
N PRO A 101 -23.72 9.12 -10.71
CA PRO A 101 -22.51 9.88 -11.02
C PRO A 101 -21.49 9.73 -9.89
N VAL A 102 -21.67 8.73 -9.05
CA VAL A 102 -20.76 8.49 -7.94
C VAL A 102 -19.92 7.23 -8.18
N LEU A 103 -18.61 7.42 -8.24
CA LEU A 103 -17.64 6.34 -8.32
C LEU A 103 -16.95 6.20 -6.97
N SER A 104 -16.89 4.97 -6.46
CA SER A 104 -16.23 4.70 -5.19
C SER A 104 -15.05 3.73 -5.38
N VAL A 105 -13.87 4.12 -4.89
CA VAL A 105 -12.68 3.30 -5.09
C VAL A 105 -11.82 3.10 -3.84
N SER A 106 -11.24 1.91 -3.75
CA SER A 106 -10.28 1.55 -2.74
C SER A 106 -8.89 1.96 -3.21
N HIS A 107 -7.95 2.18 -2.28
CA HIS A 107 -6.59 2.47 -2.71
C HIS A 107 -5.53 1.82 -1.84
N GLY A 108 -5.96 0.96 -0.92
CA GLY A 108 -5.06 0.40 0.07
C GLY A 108 -4.41 1.48 0.88
N MET A 109 -3.25 1.17 1.47
CA MET A 109 -2.58 2.09 2.37
C MET A 109 -1.22 2.52 1.85
N GLY A 110 -0.93 3.81 1.98
CA GLY A 110 0.38 4.29 1.63
C GLY A 110 0.40 5.06 0.34
N VAL A 111 1.37 5.96 0.27
CA VAL A 111 1.58 6.81 -0.89
C VAL A 111 1.68 6.04 -2.21
N PRO A 112 2.50 4.97 -2.25
CA PRO A 112 2.60 4.28 -3.55
C PRO A 112 1.33 3.53 -3.93
N SER A 113 0.66 2.90 -2.98
CA SER A 113 -0.59 2.21 -3.28
C SER A 113 -1.67 3.15 -3.85
N ILE A 114 -1.93 4.26 -3.18
CA ILE A 114 -2.90 5.21 -3.72
C ILE A 114 -2.38 5.85 -5.01
N ALA A 115 -1.07 6.03 -5.11
CA ALA A 115 -0.49 6.66 -6.29
C ALA A 115 -0.76 5.84 -7.54
N ILE A 116 -0.66 4.51 -7.43
CA ILE A 116 -0.96 3.64 -8.56
C ILE A 116 -2.44 3.76 -8.89
N MET A 117 -3.29 3.62 -7.87
CA MET A 117 -4.72 3.76 -8.06
C MET A 117 -5.01 5.07 -8.79
N LEU A 118 -4.31 6.12 -8.41
CA LEU A 118 -4.56 7.45 -8.95
C LEU A 118 -4.22 7.59 -10.42
N HIS A 119 -3.01 7.15 -10.77
CA HIS A 119 -2.55 7.18 -12.15
C HIS A 119 -3.59 6.53 -13.05
N GLU A 120 -4.06 5.35 -12.66
CA GLU A 120 -4.96 4.56 -13.49
C GLU A 120 -6.37 5.12 -13.44
N LEU A 121 -6.75 5.67 -12.29
CA LEU A 121 -8.07 6.26 -12.13
C LEU A 121 -8.21 7.52 -12.98
N ILE A 122 -7.21 8.40 -12.88
CA ILE A 122 -7.24 9.65 -13.62
C ILE A 122 -7.29 9.39 -15.13
N LYS A 123 -6.56 8.36 -15.59
CA LYS A 123 -6.60 7.96 -17.00
C LYS A 123 -8.00 7.47 -17.37
N LEU A 124 -8.52 6.58 -16.55
CA LEU A 124 -9.87 6.06 -16.75
C LEU A 124 -10.86 7.20 -16.98
N LEU A 125 -10.76 8.25 -16.15
CA LEU A 125 -11.67 9.37 -16.28
C LEU A 125 -11.48 10.09 -17.61
N TYR A 126 -10.24 10.22 -18.04
CA TYR A 126 -9.97 10.87 -19.32
C TYR A 126 -10.44 10.02 -20.49
N HIS A 127 -10.45 8.71 -20.33
CA HIS A 127 -10.90 7.83 -21.40
C HIS A 127 -12.40 7.85 -21.51
N ALA A 128 -13.08 8.07 -20.39
CA ALA A 128 -14.52 8.21 -20.38
C ALA A 128 -14.91 9.64 -20.78
N HIS A 129 -13.91 10.51 -20.87
CA HIS A 129 -14.12 11.92 -21.21
C HIS A 129 -15.19 12.53 -20.27
N CYS A 130 -14.97 12.38 -18.97
CA CYS A 130 -15.86 12.93 -17.95
C CYS A 130 -15.63 14.43 -17.81
N SER A 131 -16.54 15.09 -17.10
CA SER A 131 -16.47 16.55 -16.94
C SER A 131 -17.05 17.00 -15.61
N GLY A 132 -16.53 18.11 -15.10
CA GLY A 132 -16.98 18.66 -13.83
C GLY A 132 -16.88 17.63 -12.73
N VAL A 133 -15.73 16.98 -12.66
CA VAL A 133 -15.51 15.92 -11.69
C VAL A 133 -14.93 16.45 -10.37
N THR A 134 -15.26 15.77 -9.27
CA THR A 134 -14.66 16.06 -7.96
C THR A 134 -14.12 14.79 -7.29
N LEU A 135 -12.85 14.82 -6.91
CA LEU A 135 -12.23 13.69 -6.19
C LEU A 135 -12.19 13.96 -4.70
N ILE A 136 -12.65 13.01 -3.90
CA ILE A 136 -12.53 13.17 -2.45
C ILE A 136 -11.98 11.93 -1.79
N ARG A 137 -10.91 12.09 -1.02
CA ARG A 137 -10.42 10.99 -0.20
C ARG A 137 -11.14 10.98 1.13
N ILE A 138 -12.04 10.02 1.31
CA ILE A 138 -12.67 9.85 2.61
C ILE A 138 -11.89 8.75 3.33
N GLY A 139 -11.14 9.14 4.36
CA GLY A 139 -10.22 8.22 5.01
C GLY A 139 -10.22 8.33 6.52
N THR A 140 -9.27 7.65 7.14
CA THR A 140 -9.14 7.66 8.59
C THR A 140 -7.77 8.20 8.95
N SER A 141 -7.58 8.61 10.20
CA SER A 141 -6.33 9.26 10.58
C SER A 141 -6.04 9.23 12.07
N GLY A 142 -4.88 9.74 12.45
CA GLY A 142 -4.56 10.02 13.83
C GLY A 142 -4.70 11.52 14.09
N GLY A 143 -5.29 11.89 15.23
CA GLY A 143 -5.50 13.30 15.55
C GLY A 143 -4.43 13.90 16.45
N ILE A 144 -4.21 15.21 16.32
CA ILE A 144 -3.34 15.93 17.25
C ILE A 144 -4.14 17.02 17.99
N GLY A 145 -4.34 16.84 19.29
CA GLY A 145 -5.04 17.83 20.10
C GLY A 145 -6.49 17.96 19.68
N LEU A 146 -7.06 16.85 19.21
CA LEU A 146 -8.46 16.76 18.83
C LEU A 146 -9.10 15.57 19.51
N GLU A 147 -10.24 15.81 20.14
CA GLU A 147 -11.04 14.73 20.69
C GLU A 147 -11.22 13.65 19.61
N PRO A 148 -11.04 12.37 19.98
CA PRO A 148 -11.25 11.29 18.99
C PRO A 148 -12.62 11.38 18.34
N GLY A 149 -12.69 10.97 17.08
CA GLY A 149 -13.96 10.99 16.37
C GLY A 149 -14.08 12.27 15.58
N SER A 150 -13.23 13.22 15.88
CA SER A 150 -13.23 14.50 15.17
C SER A 150 -12.85 14.34 13.70
N VAL A 151 -13.63 14.93 12.81
CA VAL A 151 -13.31 14.91 11.38
C VAL A 151 -12.51 16.13 10.95
N VAL A 152 -11.36 15.91 10.32
CA VAL A 152 -10.56 17.00 9.77
C VAL A 152 -10.82 17.13 8.28
N ILE A 153 -10.83 18.37 7.80
CA ILE A 153 -10.84 18.65 6.37
C ILE A 153 -9.49 19.28 6.05
N THR A 154 -8.77 18.68 5.10
CA THR A 154 -7.41 19.07 4.82
C THR A 154 -7.34 20.36 4.04
N ARG A 155 -6.76 21.39 4.66
CA ARG A 155 -6.54 22.66 3.99
C ARG A 155 -5.29 22.53 3.13
N GLN A 156 -4.25 21.97 3.74
CA GLN A 156 -2.96 21.88 3.10
C GLN A 156 -2.32 20.56 3.52
N ALA A 157 -2.13 19.66 2.57
CA ALA A 157 -1.40 18.42 2.83
C ALA A 157 0.06 18.77 3.10
N VAL A 158 0.67 18.10 4.06
CA VAL A 158 2.00 18.50 4.51
C VAL A 158 2.89 17.27 4.82
N ASP A 159 4.21 17.43 4.70
CA ASP A 159 5.10 16.29 4.90
C ASP A 159 5.62 16.19 6.34
N PRO A 160 6.55 15.25 6.61
CA PRO A 160 6.97 15.09 8.00
C PRO A 160 7.82 16.26 8.53
N CYS A 161 8.13 17.21 7.67
CA CYS A 161 8.86 18.39 8.09
C CYS A 161 7.96 19.63 8.03
N PHE A 162 6.66 19.37 7.98
CA PHE A 162 5.64 20.41 8.03
C PHE A 162 5.56 21.23 6.74
N LYS A 163 6.28 20.79 5.72
CA LYS A 163 6.28 21.48 4.43
C LYS A 163 5.20 20.93 3.48
N PRO A 164 4.52 21.84 2.73
CA PRO A 164 3.48 21.54 1.74
C PRO A 164 4.06 21.12 0.40
N GLU A 165 5.00 20.18 0.44
CA GLU A 165 5.64 19.70 -0.78
C GLU A 165 5.49 18.20 -0.86
N PHE A 166 5.37 17.68 -2.09
CA PHE A 166 5.43 16.25 -2.32
C PHE A 166 6.61 15.92 -3.21
N GLU A 167 7.54 15.16 -2.67
CA GLU A 167 8.80 14.89 -3.37
C GLU A 167 8.76 13.51 -4.00
N GLN A 168 9.21 13.42 -5.25
CA GLN A 168 9.16 12.17 -5.99
C GLN A 168 10.42 12.05 -6.82
N ILE A 169 10.96 10.84 -6.89
CA ILE A 169 12.18 10.62 -7.69
C ILE A 169 11.82 10.06 -9.06
N VAL A 170 12.21 10.77 -10.10
CA VAL A 170 11.90 10.37 -11.45
C VAL A 170 13.19 10.26 -12.22
N LEU A 171 13.46 9.08 -12.77
CA LEU A 171 14.70 8.85 -13.49
C LEU A 171 15.90 9.26 -12.66
N GLY A 172 15.86 8.98 -11.36
CA GLY A 172 16.99 9.26 -10.50
C GLY A 172 17.10 10.69 -9.98
N LYS A 173 16.28 11.59 -10.50
CA LYS A 173 16.32 12.97 -10.03
C LYS A 173 15.10 13.39 -9.19
N ARG A 174 15.37 14.15 -8.15
CA ARG A 174 14.37 14.56 -7.20
C ARG A 174 13.43 15.62 -7.82
N GLU A 175 12.14 15.50 -7.56
CA GLU A 175 11.16 16.51 -7.98
C GLU A 175 10.17 16.78 -6.85
N VAL A 176 9.73 18.03 -6.72
CA VAL A 176 8.72 18.36 -5.72
C VAL A 176 7.51 19.07 -6.32
N ARG A 177 6.33 18.82 -5.75
CA ARG A 177 5.14 19.49 -6.22
C ARG A 177 4.39 20.06 -5.05
N ASN A 178 3.67 21.15 -5.28
CA ASN A 178 2.90 21.79 -4.23
C ASN A 178 1.70 20.95 -3.82
N THR A 179 1.36 20.96 -2.55
CA THR A 179 0.32 20.08 -2.06
C THR A 179 -0.87 20.77 -1.39
N ASP A 180 -1.28 21.92 -1.94
CA ASP A 180 -2.45 22.61 -1.39
C ASP A 180 -3.73 22.03 -1.98
N LEU A 181 -4.74 21.87 -1.15
CA LEU A 181 -6.06 21.49 -1.66
C LEU A 181 -6.97 22.73 -1.89
N ASP A 182 -7.98 22.54 -2.74
CA ASP A 182 -8.86 23.63 -3.18
C ASP A 182 -9.46 24.43 -2.03
N GLU A 183 -9.12 25.71 -1.94
CA GLU A 183 -9.51 26.52 -0.78
C GLU A 183 -11.01 26.78 -0.72
N GLN A 184 -11.66 26.80 -1.88
CA GLN A 184 -13.10 27.00 -1.93
C GLN A 184 -13.85 25.72 -1.57
N LEU A 185 -13.26 24.59 -1.90
CA LEU A 185 -13.88 23.30 -1.67
C LEU A 185 -13.91 22.94 -0.18
N VAL A 186 -12.87 23.35 0.56
CA VAL A 186 -12.78 22.96 1.97
C VAL A 186 -13.88 23.65 2.80
N GLN A 187 -14.05 24.95 2.58
CA GLN A 187 -15.08 25.69 3.28
C GLN A 187 -16.47 25.16 2.91
N GLU A 188 -16.66 24.82 1.63
CA GLU A 188 -17.93 24.26 1.23
C GLU A 188 -18.23 22.99 2.03
N LEU A 189 -17.20 22.20 2.32
CA LEU A 189 -17.34 20.97 3.10
C LEU A 189 -17.58 21.31 4.58
N ALA A 190 -16.87 22.31 5.08
CA ALA A 190 -17.10 22.80 6.45
C ALA A 190 -18.55 23.24 6.61
N ARG A 191 -19.09 23.90 5.59
CA ARG A 191 -20.49 24.31 5.62
C ARG A 191 -21.43 23.09 5.64
N CYS A 192 -21.12 22.07 4.86
CA CYS A 192 -21.91 20.85 4.83
C CYS A 192 -21.88 20.10 6.16
N SER A 193 -20.72 20.11 6.82
CA SER A 193 -20.61 19.47 8.11
C SER A 193 -21.39 20.24 9.16
N ALA A 194 -21.61 21.53 8.91
CA ALA A 194 -22.35 22.38 9.82
C ALA A 194 -23.86 22.17 9.67
N GLU A 195 -24.30 21.95 8.44
CA GLU A 195 -25.71 21.65 8.20
C GLU A 195 -26.08 20.29 8.78
N LEU A 196 -25.08 19.51 9.14
CA LEU A 196 -25.30 18.19 9.71
C LEU A 196 -25.40 18.28 11.22
N GLY A 197 -24.45 19.02 11.81
CA GLY A 197 -24.35 19.18 13.25
C GLY A 197 -24.45 17.85 13.98
N GLU A 198 -23.61 16.91 13.57
CA GLU A 198 -23.60 15.58 14.18
C GLU A 198 -22.27 15.29 14.86
N PHE A 199 -21.23 15.97 14.43
CA PHE A 199 -19.90 15.71 14.95
C PHE A 199 -18.96 16.87 14.69
N PRO A 200 -17.93 16.98 15.53
CA PRO A 200 -16.92 18.04 15.44
C PRO A 200 -16.16 17.95 14.13
N THR A 201 -16.05 19.05 13.40
CA THR A 201 -15.26 19.09 12.18
C THR A 201 -14.33 20.30 12.22
N VAL A 202 -13.03 20.05 12.22
CA VAL A 202 -12.05 21.11 12.05
C VAL A 202 -11.43 21.08 10.66
N VAL A 203 -10.99 22.25 10.20
CA VAL A 203 -10.11 22.31 9.04
C VAL A 203 -8.73 22.66 9.55
N GLY A 204 -7.75 21.86 9.14
CA GLY A 204 -6.38 22.04 9.54
C GLY A 204 -5.47 21.37 8.54
N ASN A 205 -4.18 21.35 8.83
CA ASN A 205 -3.24 20.71 7.93
C ASN A 205 -3.05 19.27 8.33
N THR A 206 -2.88 18.41 7.32
CA THR A 206 -2.69 16.99 7.56
C THR A 206 -1.26 16.57 7.25
N MET A 207 -0.60 15.91 8.19
CA MET A 207 0.74 15.41 7.92
C MET A 207 0.67 14.03 7.27
N CYS A 208 1.43 13.85 6.19
CA CYS A 208 1.38 12.61 5.43
C CYS A 208 2.73 11.91 5.59
N THR A 209 2.70 10.71 6.17
CA THR A 209 3.94 9.98 6.43
C THR A 209 4.06 8.66 5.65
N LEU A 210 5.28 8.22 5.43
CA LEU A 210 5.55 6.96 4.73
C LEU A 210 5.59 5.75 5.68
N ASP A 211 5.39 6.01 6.97
CA ASP A 211 5.37 4.94 7.95
C ASP A 211 4.42 5.24 9.11
N PHE A 212 3.62 4.25 9.46
CA PHE A 212 2.58 4.40 10.48
C PHE A 212 3.16 4.38 11.88
N TYR A 213 4.29 3.69 12.06
CA TYR A 213 4.86 3.49 13.40
C TYR A 213 6.00 4.46 13.71
N GLU A 214 7.21 4.15 13.28
CA GLU A 214 8.35 5.05 13.49
C GLU A 214 8.18 6.39 12.75
N GLY A 215 7.37 6.39 11.70
CA GLY A 215 7.24 7.55 10.84
C GLY A 215 6.24 8.55 11.38
N GLN A 216 5.46 8.10 12.36
CA GLN A 216 4.42 8.89 12.99
C GLN A 216 4.68 9.02 14.48
N GLY A 217 5.92 8.78 14.88
CA GLY A 217 6.31 8.96 16.27
C GLY A 217 5.67 8.03 17.28
N ARG A 218 5.12 6.90 16.83
CA ARG A 218 4.58 5.87 17.73
C ARG A 218 5.64 5.16 18.57
N LEU A 219 5.23 4.65 19.73
CA LEU A 219 6.16 3.91 20.58
C LEU A 219 5.92 2.39 20.47
N ASP A 220 4.79 1.99 19.92
CA ASP A 220 4.41 0.58 19.83
C ASP A 220 4.79 -0.10 18.52
N GLY A 221 5.92 0.29 17.94
CA GLY A 221 6.38 -0.40 16.74
C GLY A 221 7.22 -1.63 17.02
N ALA A 222 7.54 -2.39 15.99
CA ALA A 222 8.51 -3.46 16.15
C ALA A 222 9.91 -2.85 16.31
N LEU A 223 9.98 -1.55 16.03
CA LEU A 223 11.22 -0.80 15.99
C LEU A 223 10.95 0.58 16.59
N CYS A 224 11.80 1.01 17.51
CA CYS A 224 11.66 2.34 18.11
C CYS A 224 12.79 2.67 19.09
N SER A 225 13.53 3.72 18.79
CA SER A 225 14.67 4.11 19.62
C SER A 225 14.50 5.48 20.29
N TYR A 226 13.27 5.97 20.40
CA TYR A 226 13.03 7.24 21.09
C TYR A 226 12.09 7.10 22.29
N THR A 227 11.64 8.23 22.80
CA THR A 227 10.88 8.24 24.05
C THR A 227 9.60 9.05 23.93
N GLU A 228 8.70 8.83 24.89
CA GLU A 228 7.43 9.55 24.91
C GLU A 228 7.64 11.06 24.87
N LYS A 229 8.77 11.54 25.38
CA LYS A 229 9.06 12.98 25.36
C LYS A 229 9.41 13.45 23.96
N ASP A 230 10.27 12.68 23.30
CA ASP A 230 10.69 13.01 21.96
C ASP A 230 9.48 13.05 21.05
N LYS A 231 8.54 12.14 21.29
CA LYS A 231 7.31 12.08 20.52
C LYS A 231 6.48 13.32 20.77
N GLN A 232 6.25 13.61 22.06
CA GLN A 232 5.43 14.74 22.47
C GLN A 232 5.95 16.03 21.85
N ASP A 233 7.25 16.23 21.91
CA ASP A 233 7.79 17.48 21.43
C ASP A 233 7.69 17.57 19.91
N TYR A 234 7.65 16.42 19.24
CA TYR A 234 7.55 16.38 17.79
C TYR A 234 6.11 16.65 17.32
N LEU A 235 5.17 15.88 17.85
CA LEU A 235 3.76 16.08 17.57
C LEU A 235 3.29 17.49 17.92
N ARG A 236 3.75 18.02 19.05
CA ARG A 236 3.37 19.38 19.39
C ARG A 236 3.95 20.41 18.42
N ALA A 237 5.20 20.23 18.00
CA ALA A 237 5.79 21.10 16.98
C ALA A 237 4.83 21.16 15.80
N ALA A 238 4.37 19.98 15.38
CA ALA A 238 3.41 19.85 14.28
C ALA A 238 2.12 20.62 14.55
N TYR A 239 1.60 20.50 15.78
CA TYR A 239 0.37 21.20 16.15
C TYR A 239 0.56 22.71 16.04
N ALA A 240 1.69 23.18 16.54
CA ALA A 240 2.04 24.59 16.41
C ALA A 240 2.12 24.99 14.94
N ALA A 241 2.51 24.05 14.07
CA ALA A 241 2.66 24.36 12.66
C ALA A 241 1.33 24.25 11.95
N GLY A 242 0.26 24.16 12.75
CA GLY A 242 -1.09 24.09 12.23
C GLY A 242 -1.54 22.72 11.77
N ILE A 243 -0.97 21.65 12.33
CA ILE A 243 -1.34 20.31 11.90
C ILE A 243 -2.33 19.69 12.87
N ARG A 244 -3.46 19.21 12.36
CA ARG A 244 -4.45 18.60 13.26
C ARG A 244 -4.58 17.08 13.08
N ASN A 245 -4.11 16.54 11.96
CA ASN A 245 -4.11 15.09 11.81
C ASN A 245 -2.93 14.52 11.02
N ILE A 246 -2.69 13.23 11.24
CA ILE A 246 -1.62 12.49 10.60
C ILE A 246 -2.18 11.30 9.82
N GLU A 247 -1.82 11.17 8.55
CA GLU A 247 -2.14 9.94 7.83
C GLU A 247 -1.13 9.62 6.71
N MET A 248 -1.50 8.78 5.75
CA MET A 248 -0.52 8.28 4.78
C MET A 248 -0.91 8.35 3.30
N GLU A 249 -1.64 9.39 2.90
CA GLU A 249 -2.07 9.47 1.50
C GLU A 249 -2.22 10.91 0.98
N ALA A 250 -2.63 11.81 1.85
CA ALA A 250 -2.84 13.23 1.52
C ALA A 250 -1.85 13.81 0.50
N SER A 251 -0.55 13.63 0.75
CA SER A 251 0.47 14.27 -0.07
C SER A 251 0.36 13.97 -1.58
N VAL A 252 0.35 12.70 -1.96
CA VAL A 252 0.20 12.33 -3.36
C VAL A 252 -1.15 12.73 -3.93
N PHE A 253 -2.20 12.40 -3.20
CA PHE A 253 -3.54 12.73 -3.63
C PHE A 253 -3.62 14.21 -4.00
N ALA A 254 -3.08 15.06 -3.15
CA ALA A 254 -3.02 16.50 -3.40
C ALA A 254 -2.19 16.78 -4.65
N ALA A 255 -0.93 16.40 -4.59
CA ALA A 255 0.03 16.66 -5.64
C ALA A 255 -0.51 16.29 -7.02
N MET A 256 -0.99 15.06 -7.15
CA MET A 256 -1.44 14.58 -8.45
C MET A 256 -2.62 15.35 -9.01
N CYS A 257 -3.55 15.74 -8.15
CA CYS A 257 -4.75 16.44 -8.58
C CYS A 257 -4.45 17.84 -9.05
N ASN A 258 -3.70 18.58 -8.25
CA ASN A 258 -3.22 19.90 -8.68
C ASN A 258 -2.63 19.78 -10.08
N ALA A 259 -1.72 18.83 -10.25
CA ALA A 259 -1.04 18.61 -11.52
C ALA A 259 -2.00 18.42 -12.70
N CYS A 260 -3.07 17.67 -12.47
CA CYS A 260 -4.03 17.40 -13.55
C CYS A 260 -5.21 18.35 -13.50
N GLY A 261 -5.15 19.33 -12.62
CA GLY A 261 -6.21 20.32 -12.51
C GLY A 261 -7.56 19.74 -12.15
N LEU A 262 -7.58 18.86 -11.16
CA LEU A 262 -8.83 18.32 -10.64
C LEU A 262 -9.11 18.93 -9.26
N ARG A 263 -10.36 19.25 -9.01
CA ARG A 263 -10.73 19.79 -7.72
C ARG A 263 -10.90 18.59 -6.81
N ALA A 264 -10.18 18.62 -5.69
CA ALA A 264 -10.10 17.46 -4.80
C ALA A 264 -10.05 17.90 -3.36
N ALA A 265 -10.55 17.06 -2.46
CA ALA A 265 -10.49 17.29 -1.02
C ALA A 265 -10.13 16.01 -0.24
N VAL A 266 -9.71 16.20 1.00
CA VAL A 266 -9.39 15.09 1.89
C VAL A 266 -10.15 15.22 3.21
N VAL A 267 -11.05 14.27 3.46
CA VAL A 267 -11.88 14.28 4.66
C VAL A 267 -11.58 13.03 5.46
N CYS A 268 -11.03 13.20 6.66
CA CYS A 268 -10.66 12.05 7.49
C CYS A 268 -11.16 12.15 8.92
N VAL A 269 -11.65 11.03 9.45
CA VAL A 269 -12.00 10.94 10.86
C VAL A 269 -10.81 10.55 11.73
N THR A 270 -10.59 11.32 12.78
CA THR A 270 -9.59 11.02 13.78
C THR A 270 -10.02 9.79 14.60
N LEU A 271 -9.11 8.85 14.79
CA LEU A 271 -9.46 7.60 15.50
C LEU A 271 -8.85 7.52 16.90
N LEU A 272 -7.99 8.47 17.24
CA LEU A 272 -7.40 8.56 18.57
C LEU A 272 -6.68 9.90 18.69
N ASN A 273 -6.49 10.36 19.92
CA ASN A 273 -5.66 11.55 20.13
C ASN A 273 -4.21 11.11 20.30
N ARG A 274 -3.36 11.48 19.34
CA ARG A 274 -1.99 10.99 19.33
C ARG A 274 -1.14 11.63 20.43
N LEU A 275 -1.70 12.65 21.08
CA LEU A 275 -1.06 13.30 22.21
C LEU A 275 -1.37 12.55 23.49
N GLU A 276 -2.17 11.49 23.34
CA GLU A 276 -2.63 10.69 24.48
C GLU A 276 -2.21 9.21 24.42
N GLY A 277 -2.03 8.68 23.22
CA GLY A 277 -1.67 7.27 23.07
C GLY A 277 -1.36 6.91 21.63
N ASP A 278 -0.95 5.65 21.41
CA ASP A 278 -0.56 5.23 20.07
C ASP A 278 -1.47 4.17 19.51
N GLN A 279 -1.99 3.32 20.39
CA GLN A 279 -2.77 2.18 19.94
C GLN A 279 -4.23 2.52 19.71
N ILE A 280 -4.87 1.76 18.82
CA ILE A 280 -6.26 2.03 18.46
C ILE A 280 -7.18 1.09 19.23
N SER A 281 -7.51 1.52 20.44
CA SER A 281 -8.06 0.63 21.46
C SER A 281 -9.58 0.63 21.57
N SER A 282 -10.23 1.69 21.10
CA SER A 282 -11.69 1.85 21.23
C SER A 282 -12.49 0.63 20.77
N PRO A 283 -13.67 0.42 21.37
CA PRO A 283 -14.60 -0.66 21.00
C PRO A 283 -14.90 -0.68 19.51
N HIS A 284 -14.89 -1.85 18.88
CA HIS A 284 -15.25 -1.93 17.47
C HIS A 284 -16.52 -1.10 17.16
N ASP A 285 -17.50 -1.14 18.06
CA ASP A 285 -18.74 -0.37 17.92
C ASP A 285 -18.48 1.12 17.64
N VAL A 286 -17.64 1.72 18.47
CA VAL A 286 -17.34 3.13 18.37
C VAL A 286 -16.58 3.46 17.08
N LEU A 287 -15.54 2.67 16.81
CA LEU A 287 -14.69 2.88 15.65
C LEU A 287 -15.46 2.78 14.34
N ALA A 288 -16.49 1.92 14.33
CA ALA A 288 -17.31 1.76 13.15
C ALA A 288 -18.08 3.06 12.94
N GLU A 289 -18.71 3.53 14.01
CA GLU A 289 -19.44 4.77 13.96
C GLU A 289 -18.55 5.90 13.43
N TYR A 290 -17.37 6.08 14.02
CA TYR A 290 -16.44 7.10 13.54
C TYR A 290 -16.29 7.06 12.01
N GLN A 291 -15.89 5.90 11.50
CA GLN A 291 -15.59 5.78 10.09
C GLN A 291 -16.79 6.00 9.16
N GLN A 292 -17.98 6.15 9.74
CA GLN A 292 -19.16 6.46 8.94
C GLN A 292 -19.29 7.96 8.79
N ARG A 293 -18.68 8.70 9.73
CA ARG A 293 -18.81 10.15 9.76
C ARG A 293 -18.34 10.80 8.44
N PRO A 294 -17.11 10.50 8.00
CA PRO A 294 -16.70 11.16 6.76
C PRO A 294 -17.65 10.78 5.63
N GLN A 295 -18.12 9.53 5.64
CA GLN A 295 -19.15 9.09 4.69
C GLN A 295 -20.38 9.99 4.74
N ARG A 296 -20.83 10.32 5.94
CA ARG A 296 -22.04 11.12 6.09
C ARG A 296 -21.88 12.52 5.51
N LEU A 297 -20.81 13.21 5.90
CA LEU A 297 -20.47 14.52 5.35
C LEU A 297 -20.45 14.48 3.80
N VAL A 298 -19.62 13.61 3.23
CA VAL A 298 -19.53 13.50 1.78
C VAL A 298 -20.90 13.25 1.10
N GLY A 299 -21.72 12.40 1.70
CA GLY A 299 -23.11 12.23 1.28
C GLY A 299 -23.89 13.54 1.24
N GLN A 300 -23.85 14.31 2.32
CA GLN A 300 -24.43 15.65 2.33
C GLN A 300 -23.99 16.43 1.10
N PHE A 301 -22.69 16.60 0.96
CA PHE A 301 -22.09 17.37 -0.12
C PHE A 301 -22.58 16.92 -1.49
N ILE A 302 -22.82 15.62 -1.64
CA ILE A 302 -23.30 15.10 -2.92
C ILE A 302 -24.76 15.44 -3.10
N LYS A 303 -25.54 15.24 -2.04
CA LYS A 303 -26.93 15.62 -2.00
C LYS A 303 -27.08 17.06 -2.48
N LYS A 304 -26.36 17.96 -1.83
CA LYS A 304 -26.38 19.38 -2.17
C LYS A 304 -26.06 19.67 -3.63
N ARG A 305 -24.98 19.07 -4.11
CA ARG A 305 -24.47 19.36 -5.44
C ARG A 305 -25.48 19.04 -6.53
N LEU A 306 -26.29 18.02 -6.30
CA LEU A 306 -27.23 17.55 -7.30
C LEU A 306 -28.52 18.38 -7.32
N MET A 307 -28.97 18.79 -6.14
CA MET A 307 -30.11 19.69 -6.04
C MET A 307 -29.89 20.98 -6.81
N GLN A 308 -28.67 21.52 -6.71
CA GLN A 308 -28.29 22.71 -7.48
C GLN A 308 -28.00 22.36 -8.94
N HIS B 14 21.30 -24.33 17.20
CA HIS B 14 20.16 -23.74 17.93
C HIS B 14 19.47 -22.61 17.15
N ASN B 15 18.14 -22.68 17.12
CA ASN B 15 17.32 -21.62 16.54
C ASN B 15 17.02 -20.51 17.54
N ASP B 16 17.51 -19.31 17.24
CA ASP B 16 17.40 -18.19 18.17
C ASP B 16 15.99 -17.64 18.24
N LEU B 17 15.63 -17.13 19.42
CA LEU B 17 14.34 -16.48 19.60
C LEU B 17 14.24 -15.20 18.79
N VAL B 18 13.02 -14.87 18.38
CA VAL B 18 12.72 -13.59 17.72
C VAL B 18 12.77 -12.41 18.70
N GLN B 19 13.64 -11.44 18.42
CA GLN B 19 13.81 -10.26 19.26
C GLN B 19 13.13 -9.05 18.65
N LEU B 20 12.73 -8.08 19.48
CA LEU B 20 12.28 -6.81 18.95
C LEU B 20 13.41 -5.81 19.10
N CYS B 21 13.18 -4.59 18.63
CA CYS B 21 14.14 -3.52 18.83
C CYS B 21 13.42 -2.34 19.44
N ASN B 22 12.46 -2.64 20.29
CA ASN B 22 11.62 -1.64 20.95
C ASN B 22 11.27 -2.12 22.37
N PRO B 23 11.87 -1.50 23.39
CA PRO B 23 11.70 -1.91 24.79
C PRO B 23 10.29 -1.66 25.32
N HIS B 24 9.50 -0.84 24.63
CA HIS B 24 8.15 -0.48 25.08
C HIS B 24 7.16 -1.64 25.07
N ILE B 25 7.33 -2.58 24.12
CA ILE B 25 6.38 -3.69 23.98
C ILE B 25 6.35 -4.62 25.19
N ALA B 26 7.52 -4.87 25.78
CA ALA B 26 7.63 -5.70 26.98
C ALA B 26 6.76 -5.14 28.11
N ALA B 27 6.53 -3.82 28.08
CA ALA B 27 5.89 -3.10 29.18
C ALA B 27 4.44 -2.70 28.91
N MET B 28 3.82 -3.25 27.87
CA MET B 28 2.44 -2.93 27.53
C MET B 28 1.49 -4.01 28.06
N LYS B 29 0.39 -3.61 28.67
CA LYS B 29 -0.52 -4.60 29.23
C LYS B 29 -1.37 -5.26 28.14
N GLU B 30 -1.49 -4.60 27.01
CA GLU B 30 -2.16 -5.15 25.84
C GLU B 30 -1.40 -4.69 24.60
N ASP B 31 -1.15 -5.60 23.66
CA ASP B 31 -0.61 -5.21 22.36
C ASP B 31 -1.61 -5.51 21.26
N ILE B 32 -2.22 -4.46 20.72
CA ILE B 32 -3.26 -4.59 19.70
C ILE B 32 -2.71 -4.54 18.26
N LEU B 33 -2.73 -5.67 17.57
CA LEU B 33 -2.26 -5.71 16.19
C LEU B 33 -3.40 -5.25 15.32
N TYR B 34 -3.53 -3.93 15.20
CA TYR B 34 -4.72 -3.30 14.63
C TYR B 34 -5.05 -3.78 13.22
N HIS B 35 -4.03 -3.87 12.38
CA HIS B 35 -4.27 -4.21 10.98
C HIS B 35 -4.46 -5.71 10.75
N PHE B 36 -4.16 -6.51 11.76
CA PHE B 36 -4.42 -7.93 11.69
C PHE B 36 -5.73 -8.25 12.40
N SER B 37 -6.22 -7.29 13.16
CA SER B 37 -7.38 -7.54 13.99
C SER B 37 -7.06 -8.69 14.93
N LEU B 38 -5.91 -8.60 15.58
CA LEU B 38 -5.47 -9.57 16.58
C LEU B 38 -4.93 -8.79 17.77
N SER B 39 -5.00 -9.39 18.95
CA SER B 39 -4.53 -8.73 20.16
C SER B 39 -4.12 -9.72 21.24
N THR B 40 -3.05 -9.39 21.97
CA THR B 40 -2.57 -10.26 23.05
C THR B 40 -3.63 -10.54 24.10
N SER B 41 -4.57 -9.62 24.24
CA SER B 41 -5.59 -9.76 25.28
C SER B 41 -6.78 -10.59 24.83
N THR B 42 -6.82 -10.95 23.54
CA THR B 42 -7.92 -11.77 23.02
C THR B 42 -7.44 -13.01 22.30
N HIS B 43 -6.14 -13.09 22.05
CA HIS B 43 -5.56 -14.18 21.27
C HIS B 43 -4.32 -14.75 21.94
N ASP B 44 -4.17 -16.08 21.90
CA ASP B 44 -3.00 -16.72 22.47
C ASP B 44 -1.94 -16.93 21.39
N PHE B 45 -0.94 -16.06 21.36
CA PHE B 45 0.04 -16.07 20.26
C PHE B 45 0.93 -17.31 20.22
N PRO B 46 1.51 -17.69 21.37
CA PRO B 46 2.28 -18.94 21.40
C PRO B 46 1.51 -20.15 20.86
N ALA B 47 0.26 -20.32 21.29
CA ALA B 47 -0.55 -21.45 20.86
C ALA B 47 -0.86 -21.40 19.37
N MET B 48 -0.98 -20.19 18.82
CA MET B 48 -1.43 -19.98 17.45
C MET B 48 -0.29 -20.01 16.45
N PHE B 49 0.89 -19.58 16.90
CA PHE B 49 2.01 -19.32 16.01
C PHE B 49 3.37 -19.88 16.46
N GLY B 50 3.48 -20.32 17.71
CA GLY B 50 4.75 -20.77 18.26
C GLY B 50 5.54 -21.75 17.39
N ASP B 51 4.82 -22.49 16.55
CA ASP B 51 5.44 -23.53 15.71
C ASP B 51 5.75 -23.04 14.30
N VAL B 52 5.43 -21.78 14.03
CA VAL B 52 5.74 -21.19 12.73
C VAL B 52 7.26 -21.09 12.52
N LYS B 53 7.72 -21.34 11.30
CA LYS B 53 9.16 -21.36 10.98
C LYS B 53 9.44 -20.67 9.64
N PHE B 54 8.44 -20.68 8.77
CA PHE B 54 8.55 -20.01 7.49
C PHE B 54 7.46 -18.95 7.37
N VAL B 55 7.85 -17.70 7.19
CA VAL B 55 6.85 -16.69 6.87
C VAL B 55 6.96 -16.26 5.42
N CYS B 56 5.87 -16.37 4.69
CA CYS B 56 5.83 -15.95 3.30
C CYS B 56 4.88 -14.79 3.07
N VAL B 57 5.34 -13.78 2.34
CA VAL B 57 4.63 -12.53 2.22
C VAL B 57 4.61 -12.06 0.76
N GLY B 58 3.46 -11.59 0.29
CA GLY B 58 3.31 -11.12 -1.07
C GLY B 58 2.19 -10.08 -1.09
N GLY B 59 2.00 -9.43 -2.24
CA GLY B 59 1.07 -8.32 -2.32
C GLY B 59 -0.41 -8.69 -2.22
N SER B 60 -0.83 -9.63 -3.06
CA SER B 60 -2.24 -9.98 -3.21
C SER B 60 -2.66 -11.09 -2.24
N PRO B 61 -3.79 -10.90 -1.54
CA PRO B 61 -4.28 -11.93 -0.61
C PRO B 61 -4.70 -13.20 -1.33
N SER B 62 -5.26 -13.06 -2.53
CA SER B 62 -5.73 -14.22 -3.26
C SER B 62 -4.54 -15.07 -3.65
N ARG B 63 -3.46 -14.40 -4.04
CA ARG B 63 -2.21 -15.08 -4.38
C ARG B 63 -1.65 -15.84 -3.17
N MET B 64 -1.62 -15.18 -2.01
CA MET B 64 -1.06 -15.79 -0.81
C MET B 64 -1.94 -16.90 -0.24
N LYS B 65 -3.21 -16.91 -0.62
CA LYS B 65 -4.08 -18.03 -0.28
C LYS B 65 -3.71 -19.19 -1.19
N ALA B 66 -3.69 -18.93 -2.48
CA ALA B 66 -3.29 -19.91 -3.48
C ALA B 66 -1.96 -20.56 -3.07
N PHE B 67 -1.15 -19.78 -2.37
CA PHE B 67 0.16 -20.26 -1.95
C PHE B 67 0.02 -21.26 -0.83
N ILE B 68 -0.68 -20.89 0.22
CA ILE B 68 -0.90 -21.78 1.36
C ILE B 68 -1.62 -23.06 0.92
N LYS B 69 -2.47 -22.98 -0.10
CA LYS B 69 -3.06 -24.18 -0.67
C LYS B 69 -2.00 -24.96 -1.45
N TYR B 70 -1.32 -24.30 -2.39
CA TYR B 70 -0.31 -24.98 -3.18
C TYR B 70 0.67 -25.74 -2.31
N VAL B 71 1.03 -25.13 -1.18
CA VAL B 71 2.09 -25.64 -0.33
C VAL B 71 1.61 -26.75 0.60
N ALA B 72 0.36 -26.66 1.06
CA ALA B 72 -0.19 -27.71 1.90
C ALA B 72 -0.14 -29.05 1.14
N MET B 73 -0.52 -29.01 -0.13
CA MET B 73 -0.46 -30.17 -1.01
C MET B 73 0.93 -30.84 -1.11
N GLU B 74 1.98 -30.02 -1.20
CA GLU B 74 3.34 -30.54 -1.36
C GLU B 74 3.99 -31.11 -0.09
N LEU B 75 3.50 -30.74 1.09
CA LEU B 75 3.99 -31.37 2.30
C LEU B 75 2.98 -32.40 2.81
N GLY B 76 2.02 -32.75 1.97
CA GLY B 76 0.99 -33.69 2.35
C GLY B 76 0.22 -33.24 3.58
N PHE B 77 -0.41 -32.08 3.46
CA PHE B 77 -1.41 -31.62 4.41
C PHE B 77 -2.77 -31.61 3.72
N ALA B 78 -2.76 -31.82 2.41
CA ALA B 78 -3.93 -31.66 1.55
C ALA B 78 -5.11 -32.61 1.82
N HIS B 79 -6.25 -32.28 1.22
CA HIS B 79 -7.48 -33.07 1.37
C HIS B 79 -8.16 -33.17 0.01
N ALA B 82 -9.67 -29.30 1.86
CA ALA B 82 -9.88 -28.69 3.17
C ALA B 82 -10.04 -27.18 3.03
N ASP B 83 -10.59 -26.54 4.05
CA ASP B 83 -10.72 -25.09 4.04
C ASP B 83 -9.48 -24.43 4.64
N TYR B 84 -9.12 -23.27 4.11
CA TYR B 84 -7.97 -22.51 4.63
C TYR B 84 -8.45 -21.16 5.13
N PRO B 85 -8.91 -21.12 6.39
CA PRO B 85 -9.50 -19.93 6.99
C PRO B 85 -8.54 -18.74 7.00
N ASN B 86 -9.11 -17.55 6.81
CA ASN B 86 -8.35 -16.32 6.92
C ASN B 86 -8.27 -15.88 8.39
N ILE B 87 -7.04 -15.84 8.90
CA ILE B 87 -6.79 -15.58 10.31
C ILE B 87 -7.13 -14.13 10.65
N CYS B 88 -7.23 -13.32 9.61
CA CYS B 88 -7.55 -11.91 9.75
C CYS B 88 -9.00 -11.62 9.40
N GLU B 89 -9.93 -12.39 9.94
CA GLU B 89 -11.36 -12.10 9.79
C GLU B 89 -11.72 -10.93 10.70
N GLY B 90 -12.59 -10.05 10.24
CA GLY B 90 -12.86 -8.83 10.98
C GLY B 90 -11.93 -7.70 10.58
N THR B 91 -11.18 -7.93 9.50
CA THR B 91 -10.39 -6.90 8.86
C THR B 91 -10.21 -7.24 7.38
N ASP B 92 -9.88 -6.26 6.57
CA ASP B 92 -9.53 -6.52 5.17
C ASP B 92 -8.29 -5.75 4.77
N ARG B 93 -7.52 -5.34 5.77
CA ARG B 93 -6.26 -4.66 5.53
C ARG B 93 -5.24 -5.68 5.07
N TYR B 94 -5.28 -6.86 5.68
CA TYR B 94 -4.34 -7.93 5.37
C TYR B 94 -5.01 -9.28 5.53
N ALA B 95 -4.63 -10.21 4.66
CA ALA B 95 -5.11 -11.58 4.77
C ALA B 95 -3.98 -12.42 5.33
N MET B 96 -4.34 -13.46 6.11
CA MET B 96 -3.33 -14.29 6.73
C MET B 96 -3.78 -15.76 6.83
N PHE B 97 -2.86 -16.67 6.53
CA PHE B 97 -3.19 -18.09 6.52
C PHE B 97 -2.06 -18.89 7.14
N LYS B 98 -2.40 -19.99 7.81
CA LYS B 98 -1.36 -20.86 8.37
C LYS B 98 -1.65 -22.32 8.09
N VAL B 99 -0.58 -23.04 7.74
CA VAL B 99 -0.62 -24.49 7.62
C VAL B 99 0.68 -25.04 8.18
N GLY B 100 0.60 -25.78 9.27
CA GLY B 100 1.80 -26.30 9.91
C GLY B 100 2.72 -25.15 10.28
N PRO B 101 4.01 -25.23 9.87
CA PRO B 101 5.04 -24.25 10.19
C PRO B 101 5.07 -23.10 9.18
N VAL B 102 4.06 -23.01 8.33
CA VAL B 102 4.07 -22.02 7.27
C VAL B 102 2.96 -20.98 7.42
N LEU B 103 3.39 -19.73 7.57
CA LEU B 103 2.48 -18.61 7.63
C LEU B 103 2.51 -17.89 6.31
N SER B 104 1.33 -17.60 5.78
CA SER B 104 1.21 -16.84 4.55
C SER B 104 0.44 -15.54 4.81
N VAL B 105 1.04 -14.41 4.47
CA VAL B 105 0.48 -13.11 4.81
C VAL B 105 0.61 -12.14 3.63
N SER B 106 -0.51 -11.49 3.28
CA SER B 106 -0.50 -10.50 2.21
C SER B 106 0.04 -9.19 2.78
N HIS B 107 0.48 -8.28 1.91
CA HIS B 107 1.03 -7.02 2.40
C HIS B 107 0.67 -5.82 1.52
N GLY B 108 -0.06 -6.07 0.45
CA GLY B 108 -0.46 -4.99 -0.44
C GLY B 108 0.70 -4.41 -1.24
N MET B 109 0.52 -3.20 -1.74
CA MET B 109 1.54 -2.60 -2.59
C MET B 109 2.14 -1.34 -2.00
N GLY B 110 3.45 -1.19 -2.15
CA GLY B 110 4.16 -0.03 -1.63
C GLY B 110 4.87 -0.24 -0.29
N VAL B 111 5.93 0.56 -0.13
CA VAL B 111 6.74 0.49 1.08
C VAL B 111 5.94 0.67 2.37
N PRO B 112 5.05 1.68 2.41
CA PRO B 112 4.38 1.96 3.69
C PRO B 112 3.34 0.90 4.04
N SER B 113 2.66 0.35 3.04
CA SER B 113 1.73 -0.74 3.28
C SER B 113 2.43 -1.98 3.84
N ILE B 114 3.58 -2.35 3.27
CA ILE B 114 4.28 -3.52 3.77
C ILE B 114 4.97 -3.22 5.11
N ALA B 115 5.42 -1.99 5.26
CA ALA B 115 6.04 -1.58 6.51
C ALA B 115 5.11 -1.82 7.70
N ILE B 116 3.83 -1.49 7.57
CA ILE B 116 2.87 -1.74 8.64
C ILE B 116 2.79 -3.24 8.94
N MET B 117 2.49 -4.02 7.90
CA MET B 117 2.41 -5.47 7.99
C MET B 117 3.60 -6.06 8.71
N LEU B 118 4.80 -5.60 8.37
CA LEU B 118 6.02 -6.09 9.00
C LEU B 118 6.08 -5.74 10.47
N HIS B 119 5.77 -4.49 10.80
CA HIS B 119 5.82 -4.06 12.19
C HIS B 119 4.97 -4.95 13.06
N GLU B 120 3.78 -5.28 12.58
CA GLU B 120 2.84 -6.02 13.41
C GLU B 120 3.13 -7.48 13.31
N LEU B 121 3.79 -7.85 12.22
CA LEU B 121 4.17 -9.23 11.97
C LEU B 121 5.29 -9.66 12.91
N ILE B 122 6.38 -8.89 12.91
CA ILE B 122 7.50 -9.19 13.78
C ILE B 122 7.05 -9.29 15.24
N LYS B 123 6.25 -8.33 15.67
CA LYS B 123 5.74 -8.34 17.03
C LYS B 123 4.96 -9.62 17.31
N LEU B 124 4.14 -10.04 16.35
CA LEU B 124 3.41 -11.31 16.47
C LEU B 124 4.39 -12.48 16.69
N LEU B 125 5.45 -12.55 15.89
CA LEU B 125 6.43 -13.61 16.07
C LEU B 125 7.07 -13.54 17.46
N TYR B 126 7.31 -12.32 17.92
CA TYR B 126 7.93 -12.13 19.23
C TYR B 126 6.99 -12.52 20.36
N HIS B 127 5.69 -12.34 20.14
CA HIS B 127 4.67 -12.73 21.10
C HIS B 127 4.46 -14.24 21.11
N ALA B 128 4.51 -14.83 19.91
CA ALA B 128 4.32 -16.25 19.74
C ALA B 128 5.56 -17.01 20.24
N HIS B 129 6.62 -16.27 20.54
CA HIS B 129 7.89 -16.84 20.97
C HIS B 129 8.52 -17.75 19.90
N CYS B 130 8.27 -17.42 18.64
CA CYS B 130 8.84 -18.17 17.53
C CYS B 130 10.36 -18.15 17.56
N SER B 131 10.97 -19.16 16.92
CA SER B 131 12.42 -19.23 16.81
C SER B 131 12.83 -19.87 15.49
N GLY B 132 13.96 -19.43 14.95
CA GLY B 132 14.48 -20.00 13.73
C GLY B 132 13.55 -19.79 12.55
N VAL B 133 13.05 -18.56 12.42
CA VAL B 133 12.15 -18.21 11.33
C VAL B 133 12.90 -17.65 10.12
N THR B 134 12.39 -17.96 8.93
CA THR B 134 12.87 -17.35 7.71
C THR B 134 11.75 -16.50 7.10
N LEU B 135 12.05 -15.28 6.69
CA LEU B 135 11.07 -14.47 6.00
C LEU B 135 11.35 -14.39 4.52
N ILE B 136 10.34 -14.67 3.71
CA ILE B 136 10.51 -14.58 2.27
C ILE B 136 9.38 -13.83 1.56
N ARG B 137 9.75 -12.85 0.76
CA ARG B 137 8.78 -12.15 -0.05
C ARG B 137 8.63 -12.85 -1.39
N ILE B 138 7.43 -13.30 -1.68
CA ILE B 138 7.14 -13.82 -3.01
C ILE B 138 6.33 -12.81 -3.80
N GLY B 139 7.00 -12.01 -4.62
CA GLY B 139 6.33 -10.97 -5.37
C GLY B 139 6.40 -11.04 -6.89
N THR B 140 6.09 -9.91 -7.51
CA THR B 140 6.22 -9.75 -8.95
C THR B 140 7.01 -8.47 -9.19
N SER B 141 7.51 -8.26 -10.39
CA SER B 141 8.35 -7.10 -10.65
C SER B 141 8.40 -6.87 -12.15
N GLY B 142 9.14 -5.85 -12.54
CA GLY B 142 9.46 -5.64 -13.94
C GLY B 142 10.93 -5.98 -14.12
N GLY B 143 11.25 -6.73 -15.17
CA GLY B 143 12.63 -7.13 -15.39
C GLY B 143 13.38 -6.11 -16.22
N ILE B 144 14.70 -6.20 -16.21
CA ILE B 144 15.53 -5.41 -17.11
C ILE B 144 16.49 -6.31 -17.89
N GLY B 145 16.23 -6.43 -19.20
CA GLY B 145 17.08 -7.23 -20.06
C GLY B 145 17.06 -8.69 -19.64
N LEU B 146 15.86 -9.18 -19.35
CA LEU B 146 15.62 -10.56 -18.97
C LEU B 146 14.36 -10.97 -19.71
N GLU B 147 14.23 -12.24 -20.08
CA GLU B 147 13.00 -12.67 -20.75
C GLU B 147 11.84 -12.64 -19.75
N PRO B 148 10.69 -12.14 -20.19
CA PRO B 148 9.54 -12.20 -19.28
C PRO B 148 9.35 -13.62 -18.78
N GLY B 149 9.18 -13.75 -17.47
CA GLY B 149 8.99 -15.04 -16.85
C GLY B 149 10.18 -15.40 -15.97
N SER B 150 11.28 -14.66 -16.12
CA SER B 150 12.45 -14.93 -15.31
C SER B 150 12.13 -14.54 -13.88
N VAL B 151 12.60 -15.34 -12.95
CA VAL B 151 12.56 -14.99 -11.54
C VAL B 151 13.90 -14.38 -11.15
N VAL B 152 13.89 -13.45 -10.20
CA VAL B 152 15.12 -12.84 -9.70
C VAL B 152 15.20 -13.04 -8.20
N ILE B 153 16.35 -13.52 -7.72
CA ILE B 153 16.60 -13.63 -6.29
C ILE B 153 17.45 -12.43 -5.91
N THR B 154 16.95 -11.62 -5.00
CA THR B 154 17.57 -10.34 -4.71
C THR B 154 18.81 -10.46 -3.81
N ARG B 155 19.92 -9.89 -4.28
CA ARG B 155 21.12 -9.80 -3.46
C ARG B 155 21.06 -8.52 -2.63
N GLN B 156 20.73 -7.42 -3.28
CA GLN B 156 20.76 -6.14 -2.63
C GLN B 156 19.53 -5.38 -3.06
N ALA B 157 18.68 -5.02 -2.11
CA ALA B 157 17.58 -4.11 -2.42
C ALA B 157 18.20 -2.76 -2.61
N VAL B 158 17.78 -2.03 -3.63
CA VAL B 158 18.44 -0.78 -3.93
C VAL B 158 17.45 0.37 -4.18
N ASP B 159 17.88 1.59 -3.88
CA ASP B 159 17.03 2.74 -4.08
C ASP B 159 17.08 3.18 -5.56
N PRO B 160 16.32 4.21 -5.94
CA PRO B 160 16.31 4.61 -7.34
C PRO B 160 17.59 5.31 -7.81
N CYS B 161 18.57 5.42 -6.91
CA CYS B 161 19.89 5.93 -7.28
C CYS B 161 20.88 4.79 -7.18
N PHE B 162 20.35 3.59 -6.99
CA PHE B 162 21.12 2.36 -6.99
C PHE B 162 21.99 2.20 -5.74
N LYS B 163 21.73 2.98 -4.70
CA LYS B 163 22.41 2.78 -3.43
C LYS B 163 21.62 1.73 -2.63
N PRO B 164 22.33 0.80 -1.99
CA PRO B 164 21.69 -0.19 -1.12
C PRO B 164 21.40 0.44 0.22
N GLU B 165 20.52 1.42 0.21
CA GLU B 165 20.15 2.13 1.43
C GLU B 165 18.65 2.29 1.43
N PHE B 166 18.10 2.37 2.63
CA PHE B 166 16.69 2.68 2.80
C PHE B 166 16.54 3.87 3.72
N GLU B 167 15.83 4.89 3.27
CA GLU B 167 15.72 6.14 4.03
C GLU B 167 14.35 6.27 4.69
N GLN B 168 14.34 6.61 5.97
CA GLN B 168 13.10 6.81 6.69
C GLN B 168 13.19 8.04 7.59
N ILE B 169 12.14 8.85 7.57
CA ILE B 169 12.08 10.04 8.39
C ILE B 169 11.42 9.80 9.76
N VAL B 170 12.23 9.89 10.81
CA VAL B 170 11.76 9.67 12.16
C VAL B 170 11.79 10.98 12.89
N LEU B 171 10.62 11.42 13.37
CA LEU B 171 10.52 12.68 14.08
C LEU B 171 11.17 13.81 13.30
N GLY B 172 11.08 13.77 11.98
CA GLY B 172 11.60 14.85 11.16
C GLY B 172 13.02 14.68 10.67
N LYS B 173 13.78 13.77 11.29
CA LYS B 173 15.17 13.52 10.89
C LYS B 173 15.29 12.31 9.97
N ARG B 174 16.16 12.40 8.97
CA ARG B 174 16.42 11.26 8.10
C ARG B 174 17.31 10.22 8.78
N GLU B 175 16.89 8.97 8.67
CA GLU B 175 17.66 7.82 9.17
C GLU B 175 17.84 6.87 8.00
N VAL B 176 18.98 6.18 7.92
CA VAL B 176 19.20 5.21 6.85
C VAL B 176 19.71 3.86 7.35
N ARG B 177 19.16 2.78 6.80
CA ARG B 177 19.61 1.44 7.16
C ARG B 177 20.07 0.72 5.90
N ASN B 178 20.96 -0.26 6.08
CA ASN B 178 21.48 -1.00 4.95
C ASN B 178 20.48 -2.04 4.49
N THR B 179 20.40 -2.23 3.18
CA THR B 179 19.43 -3.12 2.58
C THR B 179 20.11 -4.32 1.90
N ASP B 180 21.09 -4.89 2.59
CA ASP B 180 21.72 -6.14 2.13
C ASP B 180 20.88 -7.33 2.55
N LEU B 181 20.78 -8.32 1.67
CA LEU B 181 20.10 -9.57 1.99
C LEU B 181 21.09 -10.69 2.21
N ASP B 182 20.79 -11.53 3.21
CA ASP B 182 21.62 -12.68 3.57
C ASP B 182 22.17 -13.40 2.34
N GLU B 183 23.49 -13.30 2.13
CA GLU B 183 24.13 -13.94 0.98
C GLU B 183 23.90 -15.43 0.89
N GLN B 184 23.97 -16.10 2.03
CA GLN B 184 23.88 -17.54 2.08
C GLN B 184 22.56 -18.02 1.50
N LEU B 185 21.48 -17.36 1.91
CA LEU B 185 20.14 -17.73 1.50
C LEU B 185 19.91 -17.55 0.00
N VAL B 186 20.48 -16.51 -0.59
CA VAL B 186 20.28 -16.32 -2.03
C VAL B 186 20.96 -17.44 -2.80
N GLN B 187 22.08 -17.93 -2.28
CA GLN B 187 22.76 -19.01 -2.97
C GLN B 187 21.98 -20.30 -2.77
N GLU B 188 21.41 -20.48 -1.59
CA GLU B 188 20.57 -21.65 -1.35
C GLU B 188 19.34 -21.67 -2.25
N LEU B 189 18.66 -20.53 -2.35
CA LEU B 189 17.51 -20.40 -3.23
C LEU B 189 17.91 -20.72 -4.67
N ALA B 190 19.02 -20.13 -5.13
CA ALA B 190 19.59 -20.49 -6.43
C ALA B 190 19.56 -22.00 -6.67
N ARG B 191 20.09 -22.76 -5.72
CA ARG B 191 20.13 -24.23 -5.87
C ARG B 191 18.73 -24.84 -6.01
N CYS B 192 17.77 -24.36 -5.22
CA CYS B 192 16.43 -24.95 -5.19
C CYS B 192 15.74 -24.80 -6.52
N SER B 193 15.93 -23.64 -7.13
CA SER B 193 15.33 -23.34 -8.42
C SER B 193 15.87 -24.28 -9.51
N ALA B 194 17.14 -24.66 -9.36
CA ALA B 194 17.83 -25.55 -10.29
C ALA B 194 17.31 -26.99 -10.18
N GLU B 195 17.11 -27.43 -8.93
CA GLU B 195 16.49 -28.72 -8.67
C GLU B 195 15.18 -28.84 -9.42
N LEU B 196 14.54 -27.70 -9.66
CA LEU B 196 13.27 -27.64 -10.41
C LEU B 196 13.46 -27.64 -11.94
N GLY B 197 14.40 -26.82 -12.43
CA GLY B 197 14.69 -26.72 -13.86
C GLY B 197 13.47 -26.40 -14.70
N GLU B 198 12.63 -25.49 -14.20
CA GLU B 198 11.37 -25.14 -14.83
C GLU B 198 11.34 -23.76 -15.48
N PHE B 199 12.16 -22.84 -14.97
CA PHE B 199 12.17 -21.46 -15.46
C PHE B 199 13.51 -20.79 -15.16
N PRO B 200 13.83 -19.72 -15.90
CA PRO B 200 15.14 -19.08 -15.72
C PRO B 200 15.14 -18.36 -14.40
N THR B 201 16.28 -18.35 -13.71
CA THR B 201 16.38 -17.69 -12.42
C THR B 201 17.75 -17.10 -12.29
N VAL B 202 17.82 -15.80 -12.06
CA VAL B 202 19.12 -15.19 -11.79
C VAL B 202 19.12 -14.46 -10.46
N VAL B 203 20.32 -14.25 -9.93
CA VAL B 203 20.44 -13.34 -8.81
C VAL B 203 20.95 -12.01 -9.34
N GLY B 204 20.41 -10.94 -8.76
CA GLY B 204 20.83 -9.61 -9.12
C GLY B 204 20.31 -8.66 -8.07
N ASN B 205 20.58 -7.38 -8.27
CA ASN B 205 20.06 -6.35 -7.39
C ASN B 205 18.65 -5.93 -7.80
N THR B 206 17.86 -5.57 -6.81
CA THR B 206 16.49 -5.17 -7.05
C THR B 206 16.32 -3.69 -6.73
N MET B 207 15.73 -2.94 -7.66
CA MET B 207 15.53 -1.51 -7.40
C MET B 207 14.12 -1.28 -6.89
N CYS B 208 13.99 -0.68 -5.73
CA CYS B 208 12.70 -0.53 -5.09
C CYS B 208 12.22 0.91 -5.10
N THR B 209 11.05 1.14 -5.69
CA THR B 209 10.53 2.50 -5.85
C THR B 209 9.21 2.81 -5.12
N LEU B 210 8.84 4.09 -5.13
CA LEU B 210 7.65 4.56 -4.43
C LEU B 210 6.56 4.93 -5.41
N ASP B 211 6.87 4.80 -6.70
CA ASP B 211 5.87 5.01 -7.74
C ASP B 211 6.08 4.00 -8.87
N PHE B 212 4.98 3.52 -9.41
CA PHE B 212 5.00 2.47 -10.43
C PHE B 212 5.11 3.07 -11.83
N TYR B 213 4.68 4.33 -11.98
CA TYR B 213 4.69 4.96 -13.30
C TYR B 213 5.90 5.88 -13.52
N GLU B 214 5.82 7.11 -13.02
CA GLU B 214 6.97 8.01 -13.07
C GLU B 214 8.11 7.48 -12.19
N GLY B 215 7.76 6.83 -11.09
CA GLY B 215 8.74 6.24 -10.22
C GLY B 215 9.61 5.18 -10.89
N GLN B 216 9.21 4.70 -12.06
CA GLN B 216 9.92 3.59 -12.71
C GLN B 216 10.22 3.80 -14.20
N GLY B 217 10.34 5.06 -14.61
CA GLY B 217 10.63 5.39 -16.00
C GLY B 217 9.51 5.05 -16.99
N ARG B 218 8.34 4.69 -16.50
CA ARG B 218 7.23 4.37 -17.39
C ARG B 218 6.74 5.58 -18.20
N LEU B 219 6.24 5.32 -19.40
CA LEU B 219 5.75 6.39 -20.25
C LEU B 219 4.22 6.47 -20.30
N ASP B 220 3.54 5.60 -19.55
CA ASP B 220 2.09 5.45 -19.69
C ASP B 220 1.26 5.80 -18.45
N GLY B 221 1.76 6.71 -17.62
CA GLY B 221 1.00 7.20 -16.49
C GLY B 221 0.05 8.32 -16.89
N ALA B 222 -0.43 9.08 -15.91
CA ALA B 222 -1.24 10.26 -16.22
C ALA B 222 -0.30 11.44 -16.40
N LEU B 223 0.90 11.31 -15.84
CA LEU B 223 1.93 12.35 -15.92
C LEU B 223 3.23 11.74 -16.41
N CYS B 224 3.96 12.50 -17.23
CA CYS B 224 5.26 12.06 -17.74
C CYS B 224 5.94 13.17 -18.55
N SER B 225 6.94 13.80 -17.96
CA SER B 225 7.67 14.89 -18.62
C SER B 225 8.98 14.44 -19.29
N TYR B 226 9.05 13.18 -19.71
CA TYR B 226 10.27 12.67 -20.33
C TYR B 226 9.99 11.77 -21.53
N THR B 227 11.04 11.47 -22.29
CA THR B 227 10.93 10.71 -23.53
C THR B 227 11.32 9.23 -23.38
N GLU B 228 11.06 8.45 -24.41
CA GLU B 228 11.52 7.06 -24.48
C GLU B 228 13.03 6.95 -24.40
N LYS B 229 13.72 7.80 -25.14
CA LYS B 229 15.17 7.89 -25.07
C LYS B 229 15.67 8.13 -23.62
N ASP B 230 14.95 8.97 -22.87
CA ASP B 230 15.28 9.22 -21.47
C ASP B 230 15.05 7.97 -20.58
N LYS B 231 13.96 7.25 -20.85
CA LYS B 231 13.65 6.04 -20.11
C LYS B 231 14.71 4.97 -20.32
N GLN B 232 15.20 4.87 -21.55
CA GLN B 232 16.19 3.85 -21.90
C GLN B 232 17.52 4.12 -21.21
N ASP B 233 18.02 5.33 -21.37
CA ASP B 233 19.27 5.73 -20.72
C ASP B 233 19.25 5.34 -19.25
N TYR B 234 18.17 5.71 -18.54
CA TYR B 234 18.05 5.45 -17.11
C TYR B 234 18.02 3.95 -16.80
N LEU B 235 17.19 3.22 -17.54
CA LEU B 235 17.00 1.79 -17.33
C LEU B 235 18.25 0.96 -17.63
N ARG B 236 19.06 1.43 -18.57
CA ARG B 236 20.26 0.70 -18.95
C ARG B 236 21.37 0.98 -17.91
N ALA B 237 21.51 2.24 -17.55
CA ALA B 237 22.38 2.62 -16.44
C ALA B 237 22.11 1.77 -15.20
N ALA B 238 20.84 1.45 -14.94
CA ALA B 238 20.48 0.62 -13.80
C ALA B 238 20.99 -0.81 -13.97
N TYR B 239 20.77 -1.37 -15.16
CA TYR B 239 21.23 -2.72 -15.47
C TYR B 239 22.73 -2.80 -15.26
N ALA B 240 23.43 -1.75 -15.69
CA ALA B 240 24.88 -1.69 -15.60
C ALA B 240 25.35 -1.74 -14.14
N ALA B 241 24.48 -1.31 -13.24
CA ALA B 241 24.79 -1.25 -11.81
C ALA B 241 24.41 -2.56 -11.12
N GLY B 242 24.12 -3.58 -11.91
CA GLY B 242 23.81 -4.88 -11.36
C GLY B 242 22.33 -5.06 -11.09
N ILE B 243 21.52 -4.11 -11.53
CA ILE B 243 20.10 -4.18 -11.31
C ILE B 243 19.41 -5.02 -12.39
N ARG B 244 18.61 -5.99 -11.95
CA ARG B 244 17.96 -6.92 -12.86
C ARG B 244 16.42 -6.86 -12.82
N ASN B 245 15.85 -6.42 -11.71
CA ASN B 245 14.39 -6.19 -11.67
C ASN B 245 13.99 -4.95 -10.88
N ILE B 246 12.68 -4.69 -10.84
CA ILE B 246 12.13 -3.47 -10.23
C ILE B 246 10.79 -3.73 -9.57
N GLU B 247 10.72 -3.46 -8.27
CA GLU B 247 9.47 -3.58 -7.54
C GLU B 247 9.34 -2.49 -6.47
N MET B 248 8.53 -2.73 -5.45
CA MET B 248 8.18 -1.63 -4.57
C MET B 248 8.19 -1.94 -3.09
N GLU B 249 8.84 -3.03 -2.68
CA GLU B 249 8.83 -3.40 -1.28
C GLU B 249 10.19 -3.87 -0.76
N ALA B 250 11.10 -4.22 -1.67
CA ALA B 250 12.34 -4.89 -1.26
C ALA B 250 13.13 -4.11 -0.21
N SER B 251 13.15 -2.79 -0.34
CA SER B 251 13.92 -1.93 0.56
C SER B 251 13.58 -2.07 2.05
N VAL B 252 12.34 -1.77 2.43
CA VAL B 252 11.94 -1.88 3.83
C VAL B 252 12.13 -3.28 4.35
N PHE B 253 11.68 -4.24 3.56
CA PHE B 253 11.76 -5.65 3.91
C PHE B 253 13.19 -6.01 4.34
N ALA B 254 14.14 -5.71 3.46
CA ALA B 254 15.55 -5.85 3.76
C ALA B 254 15.92 -5.09 5.03
N ALA B 255 15.55 -3.82 5.07
CA ALA B 255 15.99 -2.95 6.14
C ALA B 255 15.48 -3.40 7.50
N MET B 256 14.21 -3.78 7.56
CA MET B 256 13.58 -4.11 8.82
C MET B 256 14.03 -5.46 9.35
N CYS B 257 14.15 -6.44 8.47
CA CYS B 257 14.65 -7.74 8.88
C CYS B 257 16.09 -7.64 9.38
N ASN B 258 16.91 -6.88 8.66
CA ASN B 258 18.29 -6.63 9.08
C ASN B 258 18.31 -5.97 10.45
N ALA B 259 17.40 -5.02 10.64
CA ALA B 259 17.35 -4.25 11.87
C ALA B 259 17.08 -5.15 13.05
N CYS B 260 16.44 -6.29 12.79
CA CYS B 260 15.96 -7.16 13.85
C CYS B 260 16.71 -8.48 13.89
N GLY B 261 17.65 -8.64 12.96
CA GLY B 261 18.38 -9.89 12.87
C GLY B 261 17.52 -11.07 12.46
N LEU B 262 16.67 -10.87 11.44
CA LEU B 262 15.91 -11.97 10.86
C LEU B 262 16.50 -12.39 9.52
N ARG B 263 16.57 -13.69 9.29
CA ARG B 263 17.02 -14.22 8.01
C ARG B 263 15.93 -13.98 6.97
N ALA B 264 16.23 -13.18 5.95
CA ALA B 264 15.20 -12.87 4.95
C ALA B 264 15.68 -12.89 3.50
N ALA B 265 14.76 -13.14 2.58
CA ALA B 265 15.06 -13.17 1.15
C ALA B 265 13.90 -12.64 0.32
N VAL B 266 14.19 -12.23 -0.91
CA VAL B 266 13.17 -11.74 -1.82
C VAL B 266 13.25 -12.45 -3.18
N VAL B 267 12.13 -13.03 -3.58
CA VAL B 267 12.02 -13.82 -4.80
C VAL B 267 10.84 -13.33 -5.65
N CYS B 268 11.12 -12.55 -6.69
CA CYS B 268 10.06 -12.06 -7.56
C CYS B 268 10.19 -12.56 -9.00
N VAL B 269 9.06 -12.82 -9.64
CA VAL B 269 9.05 -13.08 -11.07
C VAL B 269 8.87 -11.74 -11.80
N THR B 270 9.50 -11.59 -12.95
CA THR B 270 9.27 -10.39 -13.77
C THR B 270 8.12 -10.67 -14.74
N LEU B 271 7.27 -9.67 -14.95
CA LEU B 271 6.08 -9.83 -15.78
C LEU B 271 6.27 -9.26 -17.17
N LEU B 272 7.42 -8.62 -17.38
CA LEU B 272 7.70 -7.96 -18.66
C LEU B 272 9.13 -7.49 -18.63
N ASN B 273 9.71 -7.30 -19.82
CA ASN B 273 11.05 -6.74 -19.94
C ASN B 273 10.93 -5.26 -20.23
N ARG B 274 11.43 -4.44 -19.30
CA ARG B 274 11.15 -3.01 -19.33
C ARG B 274 11.84 -2.27 -20.48
N LEU B 275 12.89 -2.87 -21.01
CA LEU B 275 13.59 -2.24 -22.12
C LEU B 275 12.82 -2.38 -23.42
N GLU B 276 11.68 -3.08 -23.38
CA GLU B 276 10.87 -3.28 -24.58
C GLU B 276 9.44 -2.75 -24.42
N GLY B 277 9.05 -2.47 -23.19
CA GLY B 277 7.70 -2.03 -22.90
C GLY B 277 7.48 -1.47 -21.51
N ASP B 278 6.24 -1.01 -21.29
CA ASP B 278 5.80 -0.48 -20.00
C ASP B 278 4.54 -1.20 -19.57
N GLN B 279 3.73 -1.58 -20.55
CA GLN B 279 2.45 -2.17 -20.26
C GLN B 279 2.51 -3.69 -20.18
N ILE B 280 1.63 -4.23 -19.35
CA ILE B 280 1.62 -5.64 -19.01
C ILE B 280 0.53 -6.34 -19.83
N SER B 281 0.90 -6.69 -21.06
CA SER B 281 -0.06 -7.16 -22.06
C SER B 281 0.03 -8.66 -22.41
N SER B 282 0.64 -9.46 -21.55
CA SER B 282 0.62 -10.91 -21.76
C SER B 282 -0.78 -11.47 -21.58
N PRO B 283 -1.11 -12.53 -22.32
CA PRO B 283 -2.37 -13.22 -22.05
C PRO B 283 -2.46 -13.48 -20.56
N HIS B 284 -3.69 -13.51 -20.04
CA HIS B 284 -3.88 -13.72 -18.62
C HIS B 284 -3.40 -15.11 -18.21
N ASP B 285 -3.58 -16.07 -19.10
CA ASP B 285 -3.19 -17.45 -18.82
C ASP B 285 -1.68 -17.55 -18.59
N VAL B 286 -0.91 -16.78 -19.36
CA VAL B 286 0.54 -16.72 -19.19
C VAL B 286 0.96 -16.04 -17.88
N LEU B 287 0.28 -14.95 -17.52
CA LEU B 287 0.63 -14.19 -16.31
C LEU B 287 0.35 -14.96 -15.02
N ALA B 288 -0.65 -15.83 -15.03
CA ALA B 288 -0.93 -16.66 -13.87
C ALA B 288 0.08 -17.82 -13.75
N GLU B 289 0.69 -18.21 -14.86
CA GLU B 289 1.75 -19.20 -14.82
C GLU B 289 3.02 -18.56 -14.25
N TYR B 290 3.35 -17.38 -14.78
CA TYR B 290 4.46 -16.58 -14.28
C TYR B 290 4.44 -16.46 -12.76
N GLN B 291 3.25 -16.26 -12.21
CA GLN B 291 3.14 -15.93 -10.80
C GLN B 291 3.20 -17.15 -9.89
N GLN B 292 3.13 -18.34 -10.47
CA GLN B 292 3.28 -19.56 -9.68
C GLN B 292 4.75 -19.89 -9.50
N ARG B 293 5.59 -19.40 -10.40
CA ARG B 293 7.02 -19.70 -10.36
C ARG B 293 7.69 -19.42 -9.01
N PRO B 294 7.50 -18.20 -8.47
CA PRO B 294 8.07 -17.95 -7.14
C PRO B 294 7.45 -18.82 -6.03
N GLN B 295 6.14 -19.08 -6.10
CA GLN B 295 5.51 -19.96 -5.11
C GLN B 295 6.14 -21.35 -5.19
N ARG B 296 6.36 -21.81 -6.42
CA ARG B 296 6.98 -23.11 -6.66
C ARG B 296 8.39 -23.16 -6.11
N LEU B 297 9.19 -22.15 -6.43
CA LEU B 297 10.56 -22.08 -5.96
C LEU B 297 10.61 -22.13 -4.44
N VAL B 298 9.81 -21.30 -3.79
CA VAL B 298 9.80 -21.29 -2.33
C VAL B 298 9.26 -22.61 -1.78
N GLY B 299 8.33 -23.19 -2.53
CA GLY B 299 7.81 -24.51 -2.21
C GLY B 299 8.97 -25.48 -2.10
N GLN B 300 9.85 -25.44 -3.09
CA GLN B 300 11.01 -26.32 -3.13
C GLN B 300 11.93 -26.08 -1.93
N PHE B 301 12.01 -24.83 -1.50
CA PHE B 301 12.90 -24.44 -0.42
C PHE B 301 12.44 -24.98 0.94
N ILE B 302 11.13 -24.93 1.18
CA ILE B 302 10.57 -25.39 2.44
C ILE B 302 10.64 -26.90 2.56
N LYS B 303 10.26 -27.58 1.48
CA LYS B 303 10.29 -29.04 1.43
C LYS B 303 11.70 -29.54 1.70
N LYS B 304 12.66 -28.98 0.99
CA LYS B 304 14.07 -29.30 1.19
C LYS B 304 14.44 -29.12 2.67
N ARG B 305 14.04 -28.00 3.25
CA ARG B 305 14.37 -27.65 4.64
C ARG B 305 13.77 -28.57 5.69
N LEU B 306 12.60 -29.12 5.38
CA LEU B 306 11.92 -30.01 6.30
C LEU B 306 12.33 -31.47 6.08
N MET B 307 13.56 -31.68 5.63
CA MET B 307 14.06 -33.03 5.49
C MET B 307 15.41 -33.19 6.18
N GLN B 308 15.65 -32.36 7.20
CA GLN B 308 16.89 -32.40 7.97
C GLN B 308 16.67 -31.89 9.40
S SO4 C . -8.00 4.81 5.19
O1 SO4 C . -8.15 5.68 4.04
O2 SO4 C . -6.91 3.88 4.93
O3 SO4 C . -7.62 5.59 6.36
O4 SO4 C . -9.28 4.14 5.44
N1 DUR D . -4.28 6.09 9.82
C2 DUR D . -2.93 6.64 9.98
N3 DUR D . -2.48 6.96 11.27
C4 DUR D . -3.27 6.75 12.38
C5 DUR D . -4.56 6.22 12.23
C6 DUR D . -5.04 5.88 10.91
O2 DUR D . -2.22 6.84 9.05
O4 DUR D . -2.79 7.07 13.66
C1' DUR D . -4.86 5.74 8.51
C2' DUR D . -3.98 5.81 7.33
C3' DUR D . -3.75 4.37 6.90
C4' DUR D . -4.57 3.54 7.99
O3' DUR D . -4.03 4.06 5.54
O4' DUR D . -5.54 4.51 8.51
C5' DUR D . -3.81 2.81 9.09
O5' DUR D . -4.64 2.38 10.13
S SO4 E . 3.50 -8.02 -5.52
O1 SO4 E . 2.99 -8.95 -6.53
O2 SO4 E . 3.80 -8.73 -4.30
O3 SO4 E . 4.71 -7.35 -5.98
O4 SO4 E . 2.48 -7.01 -5.22
N1 DUR F . 5.74 -4.57 -9.78
C2 DUR F . 6.52 -3.33 -9.96
N3 DUR F . 6.86 -2.91 -11.24
C4 DUR F . 6.47 -3.64 -12.35
C5 DUR F . 5.73 -4.82 -12.19
C6 DUR F . 5.37 -5.26 -10.87
O2 DUR F . 6.84 -2.65 -9.05
O4 DUR F . 6.85 -3.17 -13.63
C1' DUR F . 5.41 -5.08 -8.43
C2' DUR F . 5.27 -4.10 -7.35
C3' DUR F . 3.81 -3.73 -7.23
C4' DUR F . 3.11 -4.86 -8.12
O3' DUR F . 3.34 -3.63 -5.91
O4' DUR F . 4.21 -5.83 -8.39
C5' DUR F . 2.24 -4.49 -9.33
O5' DUR F . 1.81 -5.59 -10.07
#